data_7JUR
#
_entry.id   7JUR
#
_cell.length_a   140.000
_cell.length_b   140.000
_cell.length_c   222.000
_cell.angle_alpha   90.00
_cell.angle_beta   90.00
_cell.angle_gamma   120.00
#
_symmetry.space_group_name_H-M   'P 61 2 2'
#
loop_
_entity.id
_entity.type
_entity.pdbx_description
1 polymer 'Kinase suppressor of Ras 2'
2 polymer 'Dual specificity mitogen-activated protein kinase kinase 1'
3 non-polymer 'PHOSPHOAMINOPHOSPHONIC ACID-ADENYLATE ESTER'
4 non-polymer 'MAGNESIUM ION'
5 non-polymer Trametinib
6 water water
#
loop_
_entity_poly.entity_id
_entity_poly.type
_entity_poly.pdbx_seq_one_letter_code
_entity_poly.pdbx_strand_id
1 'polypeptide(L)'
;MSYYHHHHHHDYDIPTTENLYFQGAEMNLSLLSARSFPRKASQTSIFLQEWDIPFEQLEIGELIGKGRFGQVYHGRWHGE
VAIRLIDIERDNEDQLKAFKREVMAYRQTRHENVVLFMGACMSPPHLAIITSLCKGRTLYSVVRDAKIVLDVNKTRQIAQ
EIVKGMGYLHAKGILHKDLKSKNVFYDNGKVVITDFGLFSISGVLQAGRREDKLRIQNGWLCHLAPEIIRQLSPDTEEDK
LPFSKHSDVFALGTIWYELHAREWPFKTQPAEAIIWQMGTGMKPNLSQIGMGKEISDILLFCWAFEQEERPTFTKLMDML
EKLPKRNRRLSHPGHFWKSAEL
;
B
2 'polypeptide(L)'
;MSYYHHHHHHDYDIPTTENLYFQGAKKLEELELDEQQRKRLEAFLTQKQKVGELKDDDFEKISELGAGNGGVVFKVSHKP
SGLVMARKLIHLEIKPAIRNQIIRELQVLHECNSPYIVGFYGAFYSDGEISICMEHMDGGSLDQVLKKAGRIPEQILGKV
SIAVIKGLTYLREKHKIMHRDVKPSNILVNSRGEIKLCDFGVSGQLIDSMANSFVGTRSYMSPERLQGTHYSVQSDIWSM
GLSLVEMAVGRYPIPPPDAKELELMFGCQVEGDAAETPPRPRTPGRPLSSYGMDSRPPMAIFELLDYIVNEPPPKLPSAV
FSLEFQDFVNKCLIKNPAERADLKQLMVHAFIKRSDAEEVDFAGWLCSTIGLNQPSTPTHAAGV
;
C
#
# COMPACT_ATOMS: atom_id res chain seq x y z
N THR A 44 -26.65 -17.77 20.75
CA THR A 44 -25.30 -18.33 20.67
C THR A 44 -25.19 -19.36 19.53
N SER A 45 -26.33 -19.69 18.91
CA SER A 45 -26.35 -20.70 17.85
C SER A 45 -27.33 -20.28 16.76
N ILE A 46 -26.91 -20.46 15.50
CA ILE A 46 -27.79 -20.39 14.34
C ILE A 46 -27.83 -21.76 13.69
N PHE A 47 -29.04 -22.28 13.49
CA PHE A 47 -29.24 -23.54 12.77
C PHE A 47 -29.77 -23.24 11.37
N LEU A 48 -29.48 -24.13 10.43
CA LEU A 48 -29.98 -23.97 9.06
C LEU A 48 -31.45 -24.33 8.93
N GLN A 49 -32.02 -25.02 9.93
CA GLN A 49 -33.45 -25.25 9.98
C GLN A 49 -34.24 -23.98 10.32
N GLU A 50 -33.55 -22.89 10.68
CA GLU A 50 -34.15 -21.60 11.03
C GLU A 50 -34.51 -20.74 9.83
N TRP A 51 -34.36 -21.24 8.61
CA TRP A 51 -34.51 -20.40 7.42
C TRP A 51 -35.72 -20.83 6.61
N ASP A 52 -36.26 -19.87 5.86
CA ASP A 52 -37.43 -20.11 5.02
C ASP A 52 -37.11 -20.93 3.79
N ILE A 53 -35.84 -21.15 3.47
CA ILE A 53 -35.46 -22.04 2.38
C ILE A 53 -35.32 -23.44 2.96
N PRO A 54 -36.23 -24.35 2.65
CA PRO A 54 -36.11 -25.72 3.14
C PRO A 54 -34.79 -26.32 2.67
N PHE A 55 -34.07 -26.91 3.61
CA PHE A 55 -32.70 -27.33 3.37
C PHE A 55 -32.55 -28.76 3.85
N GLU A 56 -32.24 -29.67 2.92
CA GLU A 56 -31.99 -31.05 3.27
C GLU A 56 -30.50 -31.38 3.32
N GLN A 57 -29.77 -31.06 2.27
CA GLN A 57 -28.35 -31.37 2.16
C GLN A 57 -27.63 -30.19 1.50
N LEU A 58 -26.34 -30.09 1.78
CA LEU A 58 -25.51 -29.03 1.22
C LEU A 58 -24.17 -29.62 0.80
N GLU A 59 -23.90 -29.66 -0.51
CA GLU A 59 -22.64 -30.15 -1.05
C GLU A 59 -21.67 -28.99 -1.28
N ILE A 60 -20.40 -29.23 -1.00
CA ILE A 60 -19.36 -28.20 -1.14
C ILE A 60 -18.40 -28.63 -2.25
N GLY A 61 -18.30 -27.84 -3.30
CA GLY A 61 -17.43 -28.12 -4.44
C GLY A 61 -16.10 -27.40 -4.36
N GLU A 62 -15.66 -26.87 -5.51
CA GLU A 62 -14.35 -26.26 -5.63
C GLU A 62 -14.33 -24.81 -5.15
N LEU A 63 -13.13 -24.33 -4.84
CA LEU A 63 -12.97 -22.94 -4.49
C LEU A 63 -13.20 -22.06 -5.72
N ILE A 64 -13.95 -20.97 -5.54
CA ILE A 64 -14.25 -20.10 -6.67
C ILE A 64 -13.10 -19.15 -6.93
N GLY A 65 -12.58 -18.51 -5.89
CA GLY A 65 -11.48 -17.58 -6.06
C GLY A 65 -10.83 -17.24 -4.73
N LYS A 66 -9.70 -16.56 -4.83
CA LYS A 66 -9.03 -16.03 -3.66
C LYS A 66 -9.78 -14.79 -3.17
N GLY A 67 -9.70 -14.54 -1.87
CA GLY A 67 -10.37 -13.40 -1.29
C GLY A 67 -9.97 -13.17 0.15
N ARG A 68 -10.07 -11.93 0.61
CA ARG A 68 -9.51 -11.58 1.91
C ARG A 68 -10.40 -12.01 3.07
N PHE A 69 -11.69 -12.27 2.84
CA PHE A 69 -12.65 -12.57 3.90
C PHE A 69 -13.18 -13.99 3.75
N GLY A 70 -12.62 -14.93 4.51
CA GLY A 70 -13.05 -16.31 4.39
C GLY A 70 -12.76 -16.89 3.02
N GLN A 71 -13.21 -18.13 2.82
CA GLN A 71 -13.14 -18.79 1.53
C GLN A 71 -14.53 -18.92 0.92
N VAL A 72 -14.60 -18.96 -0.40
CA VAL A 72 -15.87 -18.94 -1.15
C VAL A 72 -15.89 -20.13 -2.11
N TYR A 73 -16.65 -21.17 -1.77
CA TYR A 73 -16.72 -22.39 -2.57
C TYR A 73 -17.99 -22.44 -3.42
N HIS A 74 -17.91 -23.17 -4.54
CA HIS A 74 -19.11 -23.65 -5.22
C HIS A 74 -19.85 -24.62 -4.32
N GLY A 75 -21.15 -24.76 -4.56
CA GLY A 75 -21.92 -25.68 -3.75
C GLY A 75 -23.24 -26.01 -4.42
N ARG A 76 -23.85 -27.09 -3.93
CA ARG A 76 -25.15 -27.55 -4.40
C ARG A 76 -26.10 -27.70 -3.23
N TRP A 77 -27.39 -27.45 -3.49
CA TRP A 77 -28.44 -27.33 -2.46
C TRP A 77 -29.67 -28.19 -2.81
N GLY A 79 -30.56 -27.17 -7.07
CA GLY A 79 -29.96 -25.83 -7.18
C GLY A 79 -28.47 -25.60 -6.87
N GLU A 80 -27.84 -24.62 -7.54
CA GLU A 80 -26.42 -24.34 -7.36
C GLU A 80 -26.22 -23.09 -6.52
N VAL A 81 -25.21 -23.11 -5.64
CA VAL A 81 -25.12 -22.17 -4.54
C VAL A 81 -23.68 -21.67 -4.42
N ALA A 82 -23.50 -20.61 -3.61
CA ALA A 82 -22.18 -20.08 -3.29
C ALA A 82 -22.03 -20.03 -1.79
N ILE A 83 -21.05 -20.77 -1.27
CA ILE A 83 -20.87 -20.94 0.17
C ILE A 83 -19.62 -20.18 0.58
N ARG A 84 -19.75 -19.38 1.63
CA ARG A 84 -18.62 -18.62 2.16
C ARG A 84 -18.35 -19.09 3.57
N LEU A 85 -17.22 -19.77 3.76
CA LEU A 85 -16.87 -20.32 5.06
C LEU A 85 -15.99 -19.31 5.79
N ILE A 86 -16.47 -18.83 6.93
CA ILE A 86 -15.74 -17.91 7.78
C ILE A 86 -15.44 -18.58 9.11
N ASP A 87 -14.29 -18.24 9.68
CA ASP A 87 -13.91 -18.76 10.97
C ASP A 87 -13.77 -17.60 11.96
N ILE A 88 -14.05 -17.93 13.22
CA ILE A 88 -14.20 -16.95 14.29
C ILE A 88 -13.55 -17.53 15.54
N GLU A 89 -13.15 -16.64 16.46
CA GLU A 89 -12.67 -17.13 17.75
C GLU A 89 -13.74 -17.96 18.44
N ARG A 90 -13.30 -18.99 19.16
CA ARG A 90 -14.23 -19.89 19.82
C ARG A 90 -15.14 -19.15 20.79
N ASP A 91 -14.55 -18.28 21.62
CA ASP A 91 -15.26 -17.62 22.71
C ASP A 91 -15.09 -16.10 22.60
N ASN A 92 -15.58 -15.53 21.51
CA ASN A 92 -15.75 -14.09 21.38
C ASN A 92 -17.23 -13.85 21.19
N GLU A 93 -17.96 -13.76 22.32
CA GLU A 93 -19.40 -13.58 22.27
C GLU A 93 -19.77 -12.25 21.60
N ASP A 94 -18.89 -11.25 21.66
CA ASP A 94 -19.18 -9.96 21.04
C ASP A 94 -19.30 -10.09 19.53
N GLN A 95 -18.23 -10.57 18.88
CA GLN A 95 -18.22 -10.76 17.43
C GLN A 95 -19.40 -11.58 16.93
N LEU A 96 -19.95 -12.44 17.79
CA LEU A 96 -20.85 -13.50 17.36
C LEU A 96 -22.30 -13.04 17.30
N LYS A 97 -22.86 -12.57 18.41
CA LYS A 97 -24.20 -12.02 18.32
C LYS A 97 -24.23 -10.74 17.51
N ALA A 98 -23.06 -10.13 17.27
CA ALA A 98 -22.95 -9.04 16.31
C ALA A 98 -22.94 -9.56 14.87
N PHE A 99 -22.51 -10.80 14.68
CA PHE A 99 -22.72 -11.47 13.40
C PHE A 99 -24.20 -11.81 13.22
N LYS A 100 -24.81 -12.33 14.28
CA LYS A 100 -26.21 -12.74 14.25
C LYS A 100 -27.13 -11.53 14.07
N ARG A 101 -26.81 -10.43 14.76
CA ARG A 101 -27.20 -9.08 14.42
C ARG A 101 -27.48 -8.90 12.93
N GLU A 102 -26.46 -9.21 12.13
CA GLU A 102 -26.46 -8.88 10.72
C GLU A 102 -27.31 -9.85 9.91
N VAL A 103 -27.14 -11.16 10.14
CA VAL A 103 -27.62 -12.13 9.17
C VAL A 103 -29.14 -12.19 9.12
N MET A 104 -29.81 -12.02 10.25
CA MET A 104 -31.26 -12.12 10.14
C MET A 104 -31.91 -10.81 9.70
N ALA A 105 -31.17 -9.70 9.76
CA ALA A 105 -31.50 -8.57 8.89
C ALA A 105 -31.58 -9.03 7.44
N TYR A 106 -30.55 -9.73 6.95
CA TYR A 106 -30.54 -10.21 5.57
C TYR A 106 -31.70 -11.15 5.29
N ARG A 107 -32.20 -11.86 6.31
CA ARG A 107 -33.29 -12.81 6.12
C ARG A 107 -34.54 -12.15 5.56
N GLN A 108 -34.65 -10.83 5.65
CA GLN A 108 -35.82 -10.12 5.17
C GLN A 108 -35.66 -9.59 3.75
N THR A 109 -34.54 -9.87 3.08
CA THR A 109 -34.23 -9.24 1.80
C THR A 109 -34.65 -10.13 0.64
N ARG A 110 -35.23 -9.51 -0.37
CA ARG A 110 -35.42 -10.15 -1.67
C ARG A 110 -35.63 -9.03 -2.67
N HIS A 111 -34.78 -8.97 -3.70
CA HIS A 111 -34.78 -7.90 -4.70
C HIS A 111 -33.93 -8.35 -5.89
N GLU A 112 -34.45 -8.15 -7.10
CA GLU A 112 -33.80 -8.69 -8.30
C GLU A 112 -32.40 -8.14 -8.56
N ASN A 113 -31.98 -7.07 -7.89
CA ASN A 113 -30.64 -6.52 -8.08
C ASN A 113 -29.76 -6.79 -6.87
N VAL A 114 -30.20 -7.64 -5.96
CA VAL A 114 -29.47 -7.99 -4.74
C VAL A 114 -29.35 -9.50 -4.69
N VAL A 115 -28.13 -10.00 -4.53
CA VAL A 115 -27.93 -11.44 -4.47
C VAL A 115 -28.78 -12.04 -3.37
N LEU A 116 -29.34 -13.23 -3.63
CA LEU A 116 -30.32 -13.83 -2.75
C LEU A 116 -29.63 -14.43 -1.55
N PHE A 117 -29.84 -13.84 -0.37
CA PHE A 117 -29.28 -14.41 0.84
C PHE A 117 -30.11 -15.63 1.22
N MET A 118 -29.47 -16.80 1.28
CA MET A 118 -30.22 -18.04 1.43
C MET A 118 -30.19 -18.60 2.84
N GLY A 119 -29.06 -18.50 3.52
CA GLY A 119 -28.97 -19.06 4.85
C GLY A 119 -27.59 -18.89 5.42
N ALA A 120 -27.52 -19.05 6.73
CA ALA A 120 -26.25 -18.91 7.44
C ALA A 120 -26.33 -19.82 8.66
N CYS A 121 -25.71 -20.98 8.59
CA CYS A 121 -25.62 -21.83 9.76
C CYS A 121 -24.37 -21.47 10.55
N MET A 122 -24.50 -21.46 11.87
CA MET A 122 -23.41 -21.01 12.74
C MET A 122 -23.27 -21.96 13.93
N SER A 123 -22.33 -22.90 13.83
CA SER A 123 -21.90 -23.73 14.95
C SER A 123 -20.46 -23.33 15.27
N PRO A 124 -20.25 -22.32 16.13
CA PRO A 124 -18.89 -21.76 16.34
C PRO A 124 -17.88 -22.85 16.65
N PRO A 125 -16.61 -22.69 16.21
CA PRO A 125 -16.07 -21.49 15.57
C PRO A 125 -16.27 -21.39 14.06
N HIS A 126 -16.99 -22.32 13.45
CA HIS A 126 -17.12 -22.37 11.99
C HIS A 126 -18.45 -21.76 11.58
N LEU A 127 -18.39 -20.69 10.78
CA LEU A 127 -19.57 -20.01 10.27
C LEU A 127 -19.71 -20.29 8.77
N ALA A 128 -20.88 -19.94 8.23
CA ALA A 128 -21.10 -20.13 6.80
C ALA A 128 -22.21 -19.18 6.36
N ILE A 129 -22.00 -18.50 5.25
CA ILE A 129 -23.02 -17.64 4.65
C ILE A 129 -23.29 -18.17 3.26
N ILE A 130 -24.54 -18.50 2.99
CA ILE A 130 -24.93 -19.23 1.81
C ILE A 130 -25.82 -18.32 0.98
N THR A 131 -25.41 -18.05 -0.26
CA THR A 131 -26.16 -17.17 -1.13
C THR A 131 -26.28 -17.81 -2.49
N SER A 132 -27.18 -17.27 -3.30
CA SER A 132 -27.30 -17.70 -4.67
C SER A 132 -25.95 -17.59 -5.38
N LEU A 133 -25.72 -18.45 -6.37
CA LEU A 133 -24.48 -18.40 -7.15
C LEU A 133 -24.71 -17.56 -8.41
N CYS A 134 -23.78 -16.64 -8.66
CA CYS A 134 -23.93 -15.70 -9.77
C CYS A 134 -23.34 -16.30 -11.06
N LYS A 135 -24.16 -16.38 -12.09
CA LYS A 135 -23.62 -16.73 -13.40
C LYS A 135 -22.97 -15.51 -14.04
N GLY A 136 -22.08 -15.75 -14.98
CA GLY A 136 -21.46 -14.64 -15.65
C GLY A 136 -20.23 -14.15 -14.90
N ARG A 137 -19.83 -12.93 -15.25
CA ARG A 137 -18.57 -12.36 -14.79
C ARG A 137 -18.83 -11.15 -13.89
N THR A 138 -17.84 -10.85 -13.06
CA THR A 138 -17.92 -9.66 -12.22
C THR A 138 -17.70 -8.40 -13.06
N LEU A 139 -18.33 -7.31 -12.62
CA LEU A 139 -18.18 -6.03 -13.32
C LEU A 139 -16.70 -5.63 -13.43
N TYR A 140 -15.90 -5.92 -12.40
CA TYR A 140 -14.47 -5.66 -12.48
C TYR A 140 -13.86 -6.26 -13.73
N SER A 141 -14.09 -7.56 -13.97
CA SER A 141 -13.48 -8.22 -15.11
C SER A 141 -14.05 -7.73 -16.44
N VAL A 142 -15.35 -7.46 -16.49
CA VAL A 142 -15.97 -7.01 -17.74
C VAL A 142 -15.42 -5.66 -18.16
N VAL A 143 -15.29 -4.73 -17.22
CA VAL A 143 -14.75 -3.40 -17.51
C VAL A 143 -13.33 -3.49 -18.08
N ARG A 144 -12.54 -4.45 -17.61
CA ARG A 144 -11.14 -4.56 -17.99
C ARG A 144 -10.88 -5.59 -19.08
N ASP A 145 -11.89 -5.92 -19.89
CA ASP A 145 -11.69 -6.78 -21.05
C ASP A 145 -11.97 -5.94 -22.30
N ALA A 146 -10.94 -5.80 -23.15
CA ALA A 146 -11.03 -4.92 -24.30
C ALA A 146 -11.97 -5.43 -25.37
N LYS A 147 -12.34 -6.71 -25.33
CA LYS A 147 -13.26 -7.26 -26.31
C LYS A 147 -14.71 -6.85 -26.09
N ILE A 148 -15.03 -6.18 -24.98
CA ILE A 148 -16.39 -5.77 -24.65
C ILE A 148 -16.51 -4.26 -24.84
N VAL A 149 -17.49 -3.85 -25.62
CA VAL A 149 -17.78 -2.44 -25.81
C VAL A 149 -18.62 -1.95 -24.65
N LEU A 150 -18.30 -0.77 -24.13
CA LEU A 150 -19.04 -0.17 -23.02
C LEU A 150 -19.48 1.24 -23.42
N ASP A 151 -20.43 1.32 -24.35
CA ASP A 151 -20.89 2.63 -24.81
C ASP A 151 -21.58 3.39 -23.68
N VAL A 152 -21.81 4.69 -23.92
CA VAL A 152 -22.38 5.55 -22.89
C VAL A 152 -23.79 5.10 -22.53
N ASN A 153 -24.51 4.51 -23.48
CA ASN A 153 -25.85 4.03 -23.17
C ASN A 153 -25.81 2.82 -22.25
N LYS A 154 -24.86 1.91 -22.48
CA LYS A 154 -24.73 0.73 -21.63
C LYS A 154 -24.30 1.11 -20.22
N THR A 155 -23.31 2.00 -20.10
CA THR A 155 -22.81 2.39 -18.78
C THR A 155 -23.90 3.06 -17.95
N ARG A 156 -24.78 3.83 -18.58
CA ARG A 156 -25.92 4.36 -17.84
C ARG A 156 -26.83 3.24 -17.36
N GLN A 157 -26.99 2.20 -18.16
CA GLN A 157 -27.92 1.13 -17.81
C GLN A 157 -27.37 0.30 -16.67
N ILE A 158 -26.09 -0.08 -16.75
CA ILE A 158 -25.46 -0.82 -15.65
C ILE A 158 -25.56 -0.04 -14.35
N ALA A 159 -25.33 1.27 -14.42
CA ALA A 159 -25.34 2.10 -13.21
C ALA A 159 -26.73 2.21 -12.60
N GLN A 160 -27.77 2.27 -13.43
CA GLN A 160 -29.13 2.35 -12.89
C GLN A 160 -29.52 1.07 -12.17
N GLU A 161 -29.05 -0.08 -12.65
CA GLU A 161 -29.33 -1.34 -11.96
C GLU A 161 -28.73 -1.33 -10.56
N ILE A 162 -27.44 -1.01 -10.46
CA ILE A 162 -26.79 -0.96 -9.14
C ILE A 162 -27.53 -0.02 -8.22
N VAL A 163 -27.98 1.13 -8.75
CA VAL A 163 -28.67 2.11 -7.93
C VAL A 163 -29.99 1.54 -7.40
N LYS A 164 -30.75 0.88 -8.26
CA LYS A 164 -32.02 0.29 -7.82
C LYS A 164 -31.82 -0.65 -6.64
N GLY A 165 -30.83 -1.55 -6.76
CA GLY A 165 -30.54 -2.46 -5.67
C GLY A 165 -30.09 -1.74 -4.40
N MET A 166 -29.21 -0.74 -4.55
CA MET A 166 -28.73 -0.03 -3.38
C MET A 166 -29.87 0.72 -2.70
N GLY A 167 -30.79 1.27 -3.50
CA GLY A 167 -31.96 1.91 -2.92
C GLY A 167 -32.77 0.95 -2.07
N TYR A 168 -32.95 -0.28 -2.55
CA TYR A 168 -33.66 -1.30 -1.78
C TYR A 168 -32.98 -1.56 -0.45
N LEU A 169 -31.67 -1.85 -0.49
CA LEU A 169 -30.93 -2.09 0.75
C LEU A 169 -31.05 -0.91 1.71
N HIS A 170 -30.91 0.31 1.18
CA HIS A 170 -31.05 1.50 2.03
C HIS A 170 -32.47 1.60 2.59
N ALA A 171 -33.49 1.36 1.74
CA ALA A 171 -34.87 1.42 2.21
C ALA A 171 -35.10 0.52 3.42
N LYS A 172 -34.46 -0.65 3.44
CA LYS A 172 -34.53 -1.55 4.59
C LYS A 172 -33.50 -1.22 5.66
N GLY A 173 -32.82 -0.08 5.56
CA GLY A 173 -31.84 0.31 6.56
C GLY A 173 -30.59 -0.53 6.59
N ILE A 174 -30.17 -1.05 5.44
CA ILE A 174 -28.97 -1.89 5.33
C ILE A 174 -27.93 -1.11 4.53
N LEU A 175 -26.78 -0.84 5.14
CA LEU A 175 -25.66 -0.24 4.44
C LEU A 175 -24.77 -1.32 3.84
N HIS A 176 -24.24 -1.04 2.65
CA HIS A 176 -23.34 -1.98 1.97
C HIS A 176 -21.95 -1.98 2.61
N LYS A 177 -21.34 -0.80 2.70
CA LYS A 177 -20.03 -0.56 3.33
C LYS A 177 -18.85 -1.13 2.54
N ASP A 178 -19.07 -1.71 1.35
CA ASP A 178 -17.98 -2.23 0.53
C ASP A 178 -18.44 -2.37 -0.91
N LEU A 179 -19.25 -1.44 -1.38
CA LEU A 179 -19.73 -1.51 -2.75
C LEU A 179 -18.59 -1.19 -3.70
N LYS A 180 -18.38 -2.06 -4.70
CA LYS A 180 -17.27 -1.96 -5.64
C LYS A 180 -17.54 -2.95 -6.77
N SER A 181 -16.72 -2.87 -7.83
CA SER A 181 -17.01 -3.66 -9.03
C SER A 181 -16.64 -5.13 -8.89
N LYS A 182 -15.75 -5.49 -7.95
CA LYS A 182 -15.60 -6.90 -7.65
C LYS A 182 -16.78 -7.46 -6.88
N ASN A 183 -17.72 -6.61 -6.44
CA ASN A 183 -18.89 -7.02 -5.69
C ASN A 183 -20.18 -6.72 -6.47
N VAL A 184 -20.09 -6.69 -7.81
CA VAL A 184 -21.23 -6.55 -8.69
C VAL A 184 -21.04 -7.57 -9.81
N PHE A 185 -22.13 -8.20 -10.25
CA PHE A 185 -22.04 -9.26 -11.25
C PHE A 185 -22.89 -8.92 -12.47
N TYR A 186 -22.36 -9.23 -13.66
CA TYR A 186 -22.95 -8.81 -14.94
C TYR A 186 -22.97 -10.01 -15.87
N ASP A 187 -24.17 -10.43 -16.28
CA ASP A 187 -24.34 -11.53 -17.22
C ASP A 187 -25.34 -11.09 -18.30
N ASN A 188 -24.82 -10.48 -19.35
CA ASN A 188 -25.61 -10.06 -20.51
C ASN A 188 -26.83 -9.24 -20.09
N GLY A 189 -26.56 -8.17 -19.35
CA GLY A 189 -27.58 -7.23 -18.92
C GLY A 189 -28.05 -7.40 -17.49
N LYS A 190 -27.94 -8.61 -16.92
CA LYS A 190 -28.36 -8.85 -15.55
C LYS A 190 -27.27 -8.38 -14.58
N VAL A 191 -27.63 -7.50 -13.64
CA VAL A 191 -26.67 -6.87 -12.74
C VAL A 191 -27.11 -7.14 -11.30
N VAL A 192 -26.19 -7.66 -10.48
CA VAL A 192 -26.52 -8.10 -9.13
C VAL A 192 -25.44 -7.64 -8.17
N ILE A 193 -25.84 -6.98 -7.07
CA ILE A 193 -24.95 -6.60 -5.99
C ILE A 193 -24.69 -7.80 -5.08
N THR A 194 -23.50 -7.89 -4.50
CA THR A 194 -23.21 -8.92 -3.50
C THR A 194 -22.44 -8.33 -2.34
N ASP A 195 -22.26 -9.14 -1.29
CA ASP A 195 -21.36 -8.88 -0.18
C ASP A 195 -21.74 -7.66 0.65
N PHE A 196 -22.99 -7.21 0.61
CA PHE A 196 -23.42 -6.10 1.47
C PHE A 196 -23.34 -6.47 2.96
N GLY A 197 -22.98 -5.49 3.79
CA GLY A 197 -22.88 -5.67 5.22
C GLY A 197 -21.72 -6.49 5.74
N LEU A 198 -21.04 -7.30 4.91
CA LEU A 198 -19.99 -8.18 5.43
C LEU A 198 -18.82 -7.41 6.03
N PHE A 199 -18.57 -6.19 5.55
CA PHE A 199 -17.34 -5.49 5.93
C PHE A 199 -17.28 -5.24 7.44
N SER A 200 -18.43 -5.07 8.09
CA SER A 200 -18.44 -4.84 9.53
C SER A 200 -17.78 -6.00 10.27
N ILE A 201 -18.09 -7.23 9.88
CA ILE A 201 -17.60 -8.42 10.56
C ILE A 201 -16.38 -9.02 9.86
N SER A 202 -15.73 -8.24 8.99
CA SER A 202 -14.81 -8.79 7.99
C SER A 202 -13.43 -9.09 8.56
N GLY A 203 -12.78 -8.07 9.15
CA GLY A 203 -11.41 -8.24 9.59
C GLY A 203 -10.36 -8.13 8.51
N VAL A 204 -10.67 -7.50 7.37
CA VAL A 204 -9.72 -7.39 6.25
C VAL A 204 -8.60 -6.41 6.53
N LEU A 205 -8.64 -5.69 7.65
CA LEU A 205 -7.55 -4.80 8.07
C LEU A 205 -6.69 -5.38 9.18
N GLN A 206 -7.30 -6.09 10.14
CA GLN A 206 -6.57 -6.86 11.13
C GLN A 206 -5.68 -6.00 12.01
N ARG A 210 0.50 -5.42 10.24
CA ARG A 210 1.81 -5.19 10.82
C ARG A 210 1.71 -4.28 12.05
N GLU A 211 2.87 -4.00 12.66
CA GLU A 211 2.94 -3.27 13.92
C GLU A 211 2.75 -1.78 13.65
N ASP A 212 1.58 -1.25 14.03
CA ASP A 212 1.23 0.15 13.78
C ASP A 212 1.32 0.49 12.30
N LYS A 213 0.84 -0.43 11.46
CA LYS A 213 0.83 -0.25 10.00
C LYS A 213 -0.47 -0.84 9.45
N LEU A 214 -1.30 0.01 8.85
CA LEU A 214 -2.56 -0.43 8.27
C LEU A 214 -2.33 -1.03 6.89
N ARG A 215 -2.99 -2.15 6.62
CA ARG A 215 -2.86 -2.83 5.33
C ARG A 215 -3.94 -2.29 4.38
N ILE A 216 -3.51 -1.78 3.23
CA ILE A 216 -4.39 -1.03 2.32
C ILE A 216 -4.37 -1.72 0.95
N GLN A 217 -5.50 -2.33 0.58
CA GLN A 217 -5.60 -3.01 -0.70
C GLN A 217 -5.75 -2.00 -1.83
N ASN A 218 -5.23 -2.37 -3.00
CA ASN A 218 -5.34 -1.49 -4.16
C ASN A 218 -6.81 -1.29 -4.51
N GLY A 219 -7.19 -0.04 -4.71
CA GLY A 219 -8.55 0.23 -5.11
C GLY A 219 -9.53 0.30 -3.97
N TRP A 220 -9.11 0.06 -2.73
CA TRP A 220 -9.98 0.34 -1.61
C TRP A 220 -10.17 1.84 -1.42
N LEU A 221 -9.05 2.56 -1.22
CA LEU A 221 -9.11 3.97 -0.86
C LEU A 221 -9.98 4.79 -1.80
N CYS A 222 -9.86 4.56 -3.11
CA CYS A 222 -10.59 5.43 -4.03
C CYS A 222 -12.10 5.19 -3.99
N HIS A 223 -12.57 4.29 -3.14
CA HIS A 223 -13.99 4.16 -2.91
C HIS A 223 -14.45 4.89 -1.65
N LEU A 224 -13.54 5.20 -0.74
CA LEU A 224 -13.87 5.77 0.57
C LEU A 224 -14.17 7.26 0.46
N ALA A 225 -15.34 7.67 0.92
CA ALA A 225 -15.67 9.08 0.97
C ALA A 225 -14.73 9.80 1.94
N PRO A 226 -14.57 11.12 1.79
CA PRO A 226 -13.54 11.83 2.57
C PRO A 226 -13.72 11.71 4.08
N GLU A 227 -14.96 11.74 4.58
CA GLU A 227 -15.16 11.59 6.02
C GLU A 227 -14.53 10.30 6.53
N ILE A 228 -14.49 9.25 5.71
CA ILE A 228 -13.86 8.02 6.16
C ILE A 228 -12.35 8.10 6.01
N ILE A 229 -11.88 8.61 4.87
CA ILE A 229 -10.45 8.67 4.61
C ILE A 229 -9.73 9.43 5.73
N ARG A 230 -10.36 10.51 6.21
CA ARG A 230 -9.72 11.40 7.16
C ARG A 230 -9.50 10.78 8.53
N GLN A 231 -10.00 9.57 8.79
CA GLN A 231 -9.74 8.92 10.07
C GLN A 231 -9.15 7.53 9.97
N LEU A 232 -8.73 7.07 8.79
CA LEU A 232 -7.98 5.83 8.73
C LEU A 232 -6.69 5.96 9.55
N SER A 233 -6.39 4.91 10.30
CA SER A 233 -5.26 4.89 11.22
C SER A 233 -4.88 3.43 11.46
N PRO A 234 -3.66 3.14 11.93
CA PRO A 234 -3.32 1.74 12.25
C PRO A 234 -4.18 1.14 13.37
N ASP A 235 -4.98 1.95 14.06
CA ASP A 235 -5.92 1.46 15.07
C ASP A 235 -7.35 1.36 14.52
N THR A 236 -7.54 1.60 13.23
CA THR A 236 -8.88 1.62 12.65
C THR A 236 -9.47 0.21 12.65
N GLU A 237 -10.69 0.09 13.15
CA GLU A 237 -11.44 -1.16 13.10
C GLU A 237 -12.63 -1.00 12.17
N GLU A 238 -12.89 -2.04 11.37
CA GLU A 238 -14.04 -2.05 10.48
C GLU A 238 -15.35 -1.82 11.24
N ASP A 239 -15.43 -2.30 12.48
CA ASP A 239 -16.62 -2.08 13.31
C ASP A 239 -16.86 -0.59 13.56
N LYS A 240 -15.81 0.23 13.56
CA LYS A 240 -15.89 1.60 14.05
C LYS A 240 -15.63 2.64 12.97
N LEU A 241 -15.72 2.27 11.69
CA LEU A 241 -15.58 3.40 10.80
C LEU A 241 -16.94 4.04 10.51
N PRO A 242 -16.99 5.36 10.32
CA PRO A 242 -18.29 6.03 10.09
C PRO A 242 -18.86 5.79 8.70
N PHE A 243 -19.29 4.56 8.43
CA PHE A 243 -20.04 4.34 7.20
C PHE A 243 -21.43 4.94 7.30
N SER A 244 -22.03 5.22 6.15
CA SER A 244 -23.31 5.92 6.11
C SER A 244 -23.96 5.66 4.77
N LYS A 245 -25.22 6.09 4.63
CA LYS A 245 -25.82 6.07 3.29
C LYS A 245 -25.06 6.97 2.34
N HIS A 246 -24.50 8.07 2.86
CA HIS A 246 -23.75 8.98 2.01
C HIS A 246 -22.44 8.36 1.55
N SER A 247 -21.76 7.64 2.44
CA SER A 247 -20.55 6.93 2.03
C SER A 247 -20.84 5.94 0.91
N ASP A 248 -22.00 5.29 0.95
CA ASP A 248 -22.33 4.33 -0.11
C ASP A 248 -22.56 5.01 -1.45
N VAL A 249 -23.15 6.22 -1.45
CA VAL A 249 -23.32 6.95 -2.71
C VAL A 249 -21.97 7.32 -3.29
N PHE A 250 -21.04 7.75 -2.43
CA PHE A 250 -19.68 8.03 -2.89
C PHE A 250 -19.09 6.82 -3.61
N ALA A 251 -19.18 5.64 -2.98
CA ALA A 251 -18.62 4.44 -3.60
C ALA A 251 -19.26 4.18 -4.95
N LEU A 252 -20.53 4.50 -5.10
CA LEU A 252 -21.12 4.39 -6.42
C LEU A 252 -20.41 5.33 -7.41
N GLY A 253 -20.11 6.56 -6.96
CA GLY A 253 -19.42 7.49 -7.83
C GLY A 253 -18.14 6.91 -8.38
N THR A 254 -17.36 6.24 -7.53
CA THR A 254 -16.15 5.57 -8.01
C THR A 254 -16.47 4.58 -9.13
N ILE A 255 -17.58 3.84 -9.00
CA ILE A 255 -17.95 2.90 -10.06
C ILE A 255 -18.33 3.65 -11.33
N TRP A 256 -18.99 4.81 -11.20
CA TRP A 256 -19.33 5.60 -12.38
C TRP A 256 -18.09 6.07 -13.11
N TYR A 257 -17.09 6.56 -12.37
CA TYR A 257 -15.79 6.84 -12.98
C TYR A 257 -15.23 5.62 -13.69
N GLU A 258 -15.22 4.48 -13.00
CA GLU A 258 -14.62 3.26 -13.54
C GLU A 258 -15.35 2.76 -14.78
N LEU A 259 -16.66 2.97 -14.86
CA LEU A 259 -17.40 2.50 -16.02
C LEU A 259 -16.94 3.19 -17.30
N HIS A 260 -16.56 4.46 -17.19
CA HIS A 260 -16.20 5.25 -18.35
C HIS A 260 -14.69 5.29 -18.62
N ALA A 261 -13.86 5.47 -17.60
CA ALA A 261 -12.43 5.42 -17.81
C ALA A 261 -11.92 4.00 -18.00
N ARG A 262 -12.70 3.00 -17.58
CA ARG A 262 -12.31 1.58 -17.60
C ARG A 262 -11.06 1.33 -16.78
N GLU A 263 -10.88 2.11 -15.71
CA GLU A 263 -9.85 1.89 -14.69
C GLU A 263 -10.25 2.70 -13.46
N TRP A 264 -9.64 2.38 -12.32
CA TRP A 264 -9.96 3.10 -11.09
C TRP A 264 -9.37 4.51 -11.14
N PRO A 265 -9.96 5.47 -10.43
CA PRO A 265 -9.31 6.77 -10.28
C PRO A 265 -8.06 6.63 -9.41
N PHE A 266 -7.15 7.59 -9.56
CA PHE A 266 -5.88 7.62 -8.84
C PHE A 266 -5.04 6.38 -9.12
N LYS A 267 -5.15 5.85 -10.34
CA LYS A 267 -4.42 4.64 -10.70
C LYS A 267 -2.92 4.85 -10.59
N THR A 268 -2.44 6.04 -11.01
CA THR A 268 -0.99 6.29 -11.02
C THR A 268 -0.37 6.30 -9.62
N GLN A 269 -1.16 6.68 -8.60
CA GLN A 269 -0.63 7.26 -7.38
C GLN A 269 -0.56 6.26 -6.23
N PRO A 270 0.40 6.45 -5.32
CA PRO A 270 0.53 5.55 -4.16
C PRO A 270 -0.47 5.90 -3.07
N ALA A 271 -0.52 5.04 -2.05
CA ALA A 271 -1.63 5.08 -1.11
C ALA A 271 -1.63 6.39 -0.33
N GLU A 272 -0.46 6.83 0.13
CA GLU A 272 -0.39 8.06 0.91
C GLU A 272 -0.83 9.27 0.09
N ALA A 273 -0.39 9.34 -1.16
CA ALA A 273 -0.84 10.43 -2.02
C ALA A 273 -2.36 10.40 -2.18
N ILE A 274 -2.95 9.21 -2.30
CA ILE A 274 -4.40 9.11 -2.45
C ILE A 274 -5.08 9.57 -1.17
N ILE A 275 -4.56 9.18 -0.02
CA ILE A 275 -5.18 9.59 1.24
C ILE A 275 -5.23 11.11 1.31
N TRP A 276 -4.08 11.76 1.16
CA TRP A 276 -4.05 13.23 1.26
C TRP A 276 -4.87 13.89 0.16
N GLN A 277 -4.80 13.38 -1.07
CA GLN A 277 -5.54 14.03 -2.15
C GLN A 277 -7.04 13.92 -1.92
N MET A 278 -7.50 12.75 -1.45
CA MET A 278 -8.93 12.57 -1.23
C MET A 278 -9.41 13.19 0.07
N GLY A 279 -8.55 13.23 1.09
CA GLY A 279 -8.90 13.94 2.31
C GLY A 279 -9.14 15.43 2.09
N THR A 280 -8.30 16.08 1.30
CA THR A 280 -8.49 17.50 1.07
C THR A 280 -9.43 17.78 -0.10
N GLY A 281 -10.07 16.76 -0.67
CA GLY A 281 -11.17 16.97 -1.59
C GLY A 281 -10.83 16.99 -3.06
N MET A 282 -9.63 16.57 -3.46
CA MET A 282 -9.25 16.63 -4.87
C MET A 282 -9.77 15.40 -5.60
N LYS A 283 -10.38 15.61 -6.76
CA LYS A 283 -11.04 14.52 -7.47
C LYS A 283 -10.94 14.74 -8.96
N PRO A 284 -10.84 13.66 -9.74
CA PRO A 284 -10.76 13.77 -11.19
C PRO A 284 -12.12 14.11 -11.81
N ASN A 285 -12.05 14.44 -13.09
CA ASN A 285 -13.21 14.51 -13.97
C ASN A 285 -12.92 13.51 -15.10
N LEU A 286 -13.78 13.51 -16.13
CA LEU A 286 -13.57 12.64 -17.28
C LEU A 286 -13.56 13.39 -18.61
N SER A 287 -13.22 14.68 -18.59
CA SER A 287 -13.06 15.42 -19.83
C SER A 287 -11.83 15.00 -20.61
N GLN A 288 -10.83 14.40 -19.94
CA GLN A 288 -9.63 13.98 -20.66
C GLN A 288 -9.93 12.89 -21.70
N ILE A 289 -11.08 12.21 -21.62
CA ILE A 289 -11.46 11.19 -22.60
C ILE A 289 -12.71 11.61 -23.37
N GLY A 290 -13.02 12.91 -23.40
CA GLY A 290 -14.07 13.41 -24.25
C GLY A 290 -15.48 13.09 -23.79
N MET A 291 -15.69 12.97 -22.48
CA MET A 291 -17.03 12.75 -21.97
C MET A 291 -17.70 14.09 -21.75
N GLY A 292 -19.00 14.14 -22.03
CA GLY A 292 -19.75 15.37 -21.94
C GLY A 292 -19.98 15.83 -20.50
N LYS A 293 -20.66 16.97 -20.40
CA LYS A 293 -20.89 17.57 -19.09
C LYS A 293 -21.75 16.69 -18.21
N GLU A 294 -22.85 16.15 -18.76
CA GLU A 294 -23.80 15.38 -17.96
C GLU A 294 -23.12 14.22 -17.26
N ILE A 295 -22.35 13.43 -18.02
CA ILE A 295 -21.61 12.31 -17.45
C ILE A 295 -20.65 12.78 -16.36
N SER A 296 -20.00 13.93 -16.57
CA SER A 296 -19.08 14.44 -15.56
C SER A 296 -19.80 15.01 -14.34
N ASP A 297 -21.02 15.51 -14.50
CA ASP A 297 -21.74 16.08 -13.37
C ASP A 297 -22.12 15.00 -12.37
N ILE A 298 -22.40 13.78 -12.85
CA ILE A 298 -22.71 12.67 -11.96
C ILE A 298 -21.64 12.56 -10.87
N LEU A 299 -20.37 12.67 -11.26
CA LEU A 299 -19.28 12.55 -10.30
C LEU A 299 -19.29 13.70 -9.30
N LEU A 300 -19.50 14.93 -9.77
CA LEU A 300 -19.46 16.08 -8.87
C LEU A 300 -20.50 15.93 -7.75
N PHE A 301 -21.66 15.37 -8.08
CA PHE A 301 -22.67 15.10 -7.05
C PHE A 301 -22.26 13.92 -6.15
N CYS A 302 -21.98 12.76 -6.74
CA CYS A 302 -21.69 11.59 -5.91
C CYS A 302 -20.44 11.79 -5.07
N TRP A 303 -19.42 12.48 -5.60
CA TRP A 303 -18.15 12.67 -4.90
C TRP A 303 -18.10 13.96 -4.09
N ALA A 304 -19.21 14.69 -3.99
CA ALA A 304 -19.29 15.93 -3.22
C ALA A 304 -18.58 15.81 -1.87
N PHE A 305 -17.82 16.87 -1.52
CA PHE A 305 -16.96 16.79 -0.34
C PHE A 305 -17.76 16.76 0.95
N GLU A 306 -18.77 17.61 1.08
CA GLU A 306 -19.63 17.57 2.26
C GLU A 306 -20.79 16.60 2.01
N GLN A 307 -20.96 15.62 2.90
CA GLN A 307 -21.86 14.50 2.67
C GLN A 307 -23.26 14.92 2.24
N GLU A 308 -23.85 15.87 2.98
CA GLU A 308 -25.23 16.26 2.75
C GLU A 308 -25.48 16.79 1.34
N GLU A 309 -24.44 17.04 0.56
CA GLU A 309 -24.65 17.48 -0.82
C GLU A 309 -24.77 16.31 -1.78
N ARG A 310 -24.50 15.09 -1.33
CA ARG A 310 -24.65 14.02 -2.32
C ARG A 310 -26.07 13.48 -2.30
N PRO A 311 -26.58 13.10 -3.46
CA PRO A 311 -27.97 12.63 -3.53
C PRO A 311 -28.15 11.27 -2.87
N THR A 312 -29.38 11.03 -2.45
CA THR A 312 -29.82 9.68 -2.17
C THR A 312 -29.85 8.88 -3.46
N PHE A 313 -30.01 7.56 -3.32
CA PHE A 313 -30.04 6.73 -4.52
C PHE A 313 -31.30 6.98 -5.34
N THR A 314 -32.39 7.37 -4.68
CA THR A 314 -33.60 7.74 -5.43
C THR A 314 -33.33 8.94 -6.33
N LYS A 315 -32.76 10.02 -5.77
CA LYS A 315 -32.42 11.18 -6.60
C LYS A 315 -31.39 10.82 -7.66
N LEU A 316 -30.42 9.97 -7.32
CA LEU A 316 -29.42 9.57 -8.29
C LEU A 316 -30.04 8.79 -9.43
N MET A 317 -31.07 7.99 -9.14
CA MET A 317 -31.78 7.27 -10.17
C MET A 317 -32.39 8.22 -11.19
N ASP A 318 -32.99 9.32 -10.71
CA ASP A 318 -33.51 10.34 -11.61
C ASP A 318 -32.40 10.95 -12.45
N MET A 319 -31.28 11.34 -11.81
CA MET A 319 -30.19 12.01 -12.52
C MET A 319 -29.66 11.15 -13.66
N LEU A 320 -29.62 9.83 -13.46
CA LEU A 320 -29.15 8.94 -14.50
C LEU A 320 -30.20 8.75 -15.59
N GLU A 321 -31.48 8.98 -15.27
CA GLU A 321 -32.51 8.90 -16.30
C GLU A 321 -32.32 9.97 -17.36
N LYS A 322 -31.95 11.19 -16.93
CA LYS A 322 -31.92 12.38 -17.78
C LYS A 322 -30.61 12.54 -18.55
N LEU A 323 -29.94 11.46 -18.86
CA LEU A 323 -28.75 11.51 -19.70
C LEU A 323 -29.13 11.33 -21.16
N PRO A 324 -28.28 11.79 -22.10
CA PRO A 324 -28.48 11.42 -23.50
C PRO A 324 -28.23 9.94 -23.78
N GLU B 32 34.51 10.47 -7.73
CA GLU B 32 33.76 9.25 -7.99
C GLU B 32 34.68 8.10 -8.39
N LEU B 33 35.76 7.93 -7.63
CA LEU B 33 36.69 6.83 -7.82
C LEU B 33 37.54 6.70 -6.58
N ASP B 34 37.84 5.45 -6.23
CA ASP B 34 38.74 5.11 -5.13
C ASP B 34 39.26 3.72 -5.43
N GLU B 35 40.52 3.47 -5.08
CA GLU B 35 41.07 2.15 -5.39
C GLU B 35 40.74 1.10 -4.34
N GLN B 36 40.67 1.47 -3.04
CA GLN B 36 40.30 0.47 -2.06
C GLN B 36 38.83 0.04 -2.17
N GLN B 37 38.00 0.76 -2.93
CA GLN B 37 36.66 0.25 -3.19
C GLN B 37 36.53 -0.31 -4.60
N ARG B 38 37.48 -0.01 -5.50
CA ARG B 38 37.66 -0.88 -6.65
C ARG B 38 38.14 -2.26 -6.25
N LYS B 39 38.75 -2.41 -5.05
CA LYS B 39 39.17 -3.75 -4.62
C LYS B 39 37.97 -4.67 -4.46
N ARG B 40 36.99 -4.30 -3.61
CA ARG B 40 35.91 -5.25 -3.30
C ARG B 40 34.74 -5.17 -4.26
N LEU B 41 34.62 -4.14 -5.11
CA LEU B 41 33.65 -4.23 -6.19
C LEU B 41 33.99 -5.46 -7.01
N GLU B 42 35.27 -5.61 -7.40
CA GLU B 42 35.67 -6.70 -8.26
C GLU B 42 35.64 -8.02 -7.54
N ALA B 43 35.97 -8.06 -6.24
CA ALA B 43 35.85 -9.35 -5.59
C ALA B 43 34.38 -9.72 -5.37
N PHE B 44 33.43 -8.77 -5.51
CA PHE B 44 32.01 -9.13 -5.61
C PHE B 44 31.73 -9.87 -6.92
N LEU B 45 32.20 -9.33 -8.06
CA LEU B 45 32.07 -10.01 -9.34
C LEU B 45 32.89 -11.30 -9.44
N THR B 46 33.67 -11.68 -8.43
CA THR B 46 34.23 -13.03 -8.46
C THR B 46 33.28 -14.04 -7.82
N GLN B 47 32.56 -13.65 -6.77
CA GLN B 47 31.41 -14.43 -6.32
C GLN B 47 30.21 -14.28 -7.26
N LYS B 48 30.33 -13.42 -8.27
CA LYS B 48 29.34 -13.37 -9.35
C LYS B 48 29.26 -14.71 -10.07
N GLN B 49 30.41 -15.24 -10.49
CA GLN B 49 30.44 -16.46 -11.30
C GLN B 49 29.89 -17.65 -10.53
N LYS B 50 29.97 -17.61 -9.21
CA LYS B 50 29.71 -18.78 -8.40
C LYS B 50 28.23 -19.13 -8.33
N VAL B 51 27.33 -18.21 -8.67
CA VAL B 51 25.91 -18.42 -8.43
C VAL B 51 25.25 -19.22 -9.56
N GLY B 52 25.60 -18.94 -10.81
CA GLY B 52 24.82 -19.50 -11.91
C GLY B 52 23.39 -19.01 -11.84
N GLU B 53 22.45 -19.95 -11.81
CA GLU B 53 21.04 -19.64 -11.60
C GLU B 53 20.55 -20.27 -10.31
N LEU B 54 19.38 -19.78 -9.86
CA LEU B 54 18.88 -20.01 -8.51
C LEU B 54 17.39 -20.30 -8.56
N LYS B 55 16.93 -21.24 -7.70
CA LYS B 55 15.54 -21.41 -7.30
C LYS B 55 15.52 -22.10 -5.92
N ASP B 56 14.29 -22.28 -5.40
CA ASP B 56 14.04 -22.39 -3.95
C ASP B 56 15.00 -23.34 -3.23
N ASP B 57 14.97 -24.63 -3.57
CA ASP B 57 15.62 -25.63 -2.72
C ASP B 57 17.11 -25.40 -2.54
N ASP B 58 17.72 -24.52 -3.36
CA ASP B 58 19.11 -24.13 -3.13
C ASP B 58 19.30 -23.47 -1.77
N PHE B 59 18.24 -22.94 -1.18
CA PHE B 59 18.34 -22.06 -0.03
C PHE B 59 17.79 -22.71 1.23
N GLU B 60 18.54 -22.58 2.32
CA GLU B 60 18.14 -23.03 3.65
C GLU B 60 18.03 -21.82 4.57
N LYS B 61 16.88 -21.67 5.21
CA LYS B 61 16.64 -20.51 6.06
C LYS B 61 17.48 -20.59 7.32
N ILE B 62 18.01 -19.43 7.74
CA ILE B 62 18.78 -19.31 8.97
C ILE B 62 18.00 -18.51 10.02
N SER B 63 17.65 -17.26 9.69
CA SER B 63 16.89 -16.43 10.62
C SER B 63 16.14 -15.36 9.84
N GLU B 64 15.09 -14.83 10.47
CA GLU B 64 14.31 -13.74 9.91
C GLU B 64 14.94 -12.40 10.27
N LEU B 65 14.65 -11.38 9.47
CA LEU B 65 15.22 -10.05 9.71
C LEU B 65 14.12 -9.01 9.87
N VAL B 72 8.55 -9.90 3.57
CA VAL B 72 9.55 -10.00 4.63
C VAL B 72 10.78 -10.69 4.05
N VAL B 73 11.96 -10.48 4.62
CA VAL B 73 13.18 -11.02 4.06
C VAL B 73 13.88 -11.89 5.09
N PHE B 74 14.70 -12.82 4.60
CA PHE B 74 15.28 -13.89 5.39
C PHE B 74 16.78 -13.97 5.16
N LYS B 75 17.48 -14.51 6.16
CA LYS B 75 18.88 -14.87 5.98
C LYS B 75 18.96 -16.29 5.47
N VAL B 76 19.68 -16.46 4.35
CA VAL B 76 19.64 -17.68 3.59
C VAL B 76 21.05 -18.21 3.41
N SER B 77 21.13 -19.48 3.06
CA SER B 77 22.42 -20.14 2.78
C SER B 77 22.30 -20.86 1.45
N HIS B 78 22.93 -20.30 0.40
CA HIS B 78 22.94 -20.93 -0.91
C HIS B 78 23.80 -22.19 -0.88
N LYS B 79 23.39 -23.22 -1.64
CA LYS B 79 24.06 -24.52 -1.54
C LYS B 79 25.02 -24.80 -2.68
N PRO B 80 24.62 -24.61 -3.95
CA PRO B 80 25.62 -24.72 -5.02
C PRO B 80 26.80 -23.79 -4.80
N SER B 81 26.56 -22.68 -4.10
CA SER B 81 27.57 -21.67 -3.83
C SER B 81 27.42 -21.24 -2.38
N GLY B 82 28.45 -21.47 -1.57
CA GLY B 82 28.36 -21.28 -0.13
C GLY B 82 28.01 -19.88 0.35
N LEU B 83 27.83 -18.95 -0.59
CA LEU B 83 27.49 -17.57 -0.27
C LEU B 83 26.34 -17.50 0.72
N VAL B 84 26.46 -16.61 1.69
CA VAL B 84 25.39 -16.33 2.63
C VAL B 84 24.73 -15.01 2.21
N MET B 85 23.46 -15.09 1.82
CA MET B 85 22.73 -13.96 1.24
C MET B 85 21.51 -13.61 2.11
N ALA B 86 20.77 -12.60 1.66
CA ALA B 86 19.43 -12.32 2.14
C ALA B 86 18.47 -12.45 0.97
N ARG B 87 17.28 -13.00 1.23
CA ARG B 87 16.32 -13.29 0.18
C ARG B 87 15.03 -12.53 0.46
N LYS B 88 14.64 -11.71 -0.50
CA LYS B 88 13.34 -11.08 -0.42
C LYS B 88 12.23 -12.08 -0.71
N LEU B 89 11.04 -11.82 -0.15
CA LEU B 89 9.84 -12.54 -0.55
C LEU B 89 8.76 -11.49 -0.78
N ILE B 90 8.25 -11.46 -2.00
CA ILE B 90 7.20 -10.52 -2.40
C ILE B 90 6.05 -11.37 -2.93
N HIS B 91 5.04 -11.59 -2.10
CA HIS B 91 3.90 -12.43 -2.47
C HIS B 91 3.05 -11.74 -3.54
N LEU B 92 3.05 -12.29 -4.76
CA LEU B 92 2.21 -11.82 -5.85
C LEU B 92 1.50 -12.98 -6.52
N GLU B 93 0.28 -12.71 -7.00
CA GLU B 93 -0.75 -13.73 -7.28
C GLU B 93 -1.35 -13.37 -8.64
N ILE B 94 -0.66 -13.73 -9.72
CA ILE B 94 -0.65 -12.87 -10.90
C ILE B 94 -0.06 -13.58 -12.12
N LYS B 95 -0.52 -13.15 -13.34
CA LYS B 95 -0.48 -13.67 -14.72
C LYS B 95 0.75 -14.44 -15.19
N PRO B 96 0.71 -15.05 -16.43
CA PRO B 96 1.96 -15.59 -17.03
C PRO B 96 2.94 -14.53 -17.56
N ALA B 97 2.51 -13.72 -18.53
CA ALA B 97 3.45 -12.87 -19.28
C ALA B 97 4.10 -11.81 -18.40
N ILE B 98 3.44 -11.43 -17.31
CA ILE B 98 3.87 -10.28 -16.51
C ILE B 98 5.14 -10.61 -15.72
N ARG B 99 5.23 -11.81 -15.14
CA ARG B 99 6.40 -12.20 -14.38
C ARG B 99 7.67 -12.12 -15.22
N ASN B 100 7.69 -12.86 -16.33
CA ASN B 100 8.78 -12.82 -17.30
C ASN B 100 9.24 -11.39 -17.56
N GLN B 101 8.31 -10.46 -17.75
CA GLN B 101 8.70 -9.08 -17.99
C GLN B 101 9.06 -8.30 -16.73
N ILE B 102 8.73 -8.79 -15.53
CA ILE B 102 9.27 -8.16 -14.32
C ILE B 102 10.70 -8.61 -14.09
N ILE B 103 10.93 -9.92 -14.15
CA ILE B 103 12.27 -10.41 -13.86
C ILE B 103 13.24 -9.88 -14.90
N ARG B 104 12.79 -9.71 -16.15
CA ARG B 104 13.68 -9.14 -17.16
C ARG B 104 13.82 -7.63 -16.99
N GLU B 105 12.81 -6.95 -16.46
CA GLU B 105 12.99 -5.56 -16.04
C GLU B 105 13.90 -5.46 -14.83
N LEU B 106 13.90 -6.50 -13.98
CA LEU B 106 14.74 -6.54 -12.80
C LEU B 106 16.21 -6.80 -13.15
N GLN B 107 16.48 -7.46 -14.29
CA GLN B 107 17.84 -7.85 -14.64
C GLN B 107 18.77 -6.63 -14.79
N VAL B 108 18.22 -5.42 -14.67
CA VAL B 108 19.03 -4.21 -14.71
C VAL B 108 19.96 -4.10 -13.51
N LEU B 109 19.70 -4.86 -12.45
CA LEU B 109 20.49 -4.73 -11.23
C LEU B 109 21.80 -5.50 -11.30
N HIS B 110 21.90 -6.50 -12.17
CA HIS B 110 23.22 -7.08 -12.46
C HIS B 110 24.14 -6.03 -13.04
N GLU B 111 23.59 -5.09 -13.82
CA GLU B 111 24.40 -4.09 -14.52
C GLU B 111 24.92 -3.02 -13.56
N CYS B 112 24.05 -2.50 -12.70
CA CYS B 112 24.45 -1.42 -11.81
C CYS B 112 25.36 -1.93 -10.71
N ASN B 113 26.47 -1.24 -10.50
CA ASN B 113 27.48 -1.62 -9.52
C ASN B 113 28.18 -0.37 -9.04
N SER B 114 28.37 -0.26 -7.73
CA SER B 114 29.03 0.89 -7.09
C SER B 114 29.15 0.64 -5.59
N PRO B 115 30.09 1.29 -4.90
CA PRO B 115 30.26 1.03 -3.46
C PRO B 115 29.16 1.59 -2.58
N TYR B 116 28.19 2.32 -3.15
CA TYR B 116 27.12 2.93 -2.38
C TYR B 116 25.75 2.34 -2.72
N ILE B 117 25.73 1.13 -3.29
CA ILE B 117 24.52 0.37 -3.57
C ILE B 117 24.80 -1.09 -3.24
N VAL B 118 23.84 -1.78 -2.61
CA VAL B 118 24.05 -3.16 -2.17
C VAL B 118 24.18 -4.06 -3.40
N GLY B 119 24.54 -5.32 -3.17
CA GLY B 119 24.89 -6.24 -4.25
C GLY B 119 23.72 -7.12 -4.66
N PHE B 120 23.54 -7.24 -5.97
CA PHE B 120 22.46 -8.01 -6.57
C PHE B 120 23.00 -9.27 -7.23
N TYR B 121 22.30 -10.39 -7.02
CA TYR B 121 22.73 -11.70 -7.49
C TYR B 121 21.80 -12.28 -8.55
N GLY B 122 20.51 -12.36 -8.27
CA GLY B 122 19.58 -12.90 -9.26
C GLY B 122 18.15 -12.72 -8.80
N ALA B 123 17.23 -12.96 -9.73
CA ALA B 123 15.80 -12.85 -9.46
C ALA B 123 15.07 -14.00 -10.14
N PHE B 124 14.22 -14.69 -9.38
CA PHE B 124 13.44 -15.80 -9.90
C PHE B 124 12.09 -15.81 -9.20
N TYR B 125 11.19 -16.65 -9.70
CA TYR B 125 9.85 -16.82 -9.15
C TYR B 125 9.71 -18.26 -8.68
N SER B 126 9.27 -18.45 -7.43
CA SER B 126 8.92 -19.76 -6.89
C SER B 126 7.70 -19.62 -5.99
N ASP B 127 6.62 -20.33 -6.32
CA ASP B 127 5.49 -20.57 -5.41
C ASP B 127 4.77 -19.27 -5.01
N GLY B 128 4.12 -18.67 -6.00
CA GLY B 128 3.38 -17.43 -5.82
C GLY B 128 4.16 -16.29 -5.18
N GLU B 129 5.50 -16.35 -5.20
CA GLU B 129 6.32 -15.38 -4.50
C GLU B 129 7.62 -15.18 -5.26
N ILE B 130 7.78 -14.02 -5.89
CA ILE B 130 9.06 -13.66 -6.47
C ILE B 130 10.05 -13.39 -5.34
N SER B 131 11.31 -13.73 -5.59
CA SER B 131 12.34 -13.66 -4.55
C SER B 131 13.59 -13.02 -5.14
N ILE B 132 13.96 -11.87 -4.61
CA ILE B 132 15.22 -11.22 -4.95
C ILE B 132 16.26 -11.60 -3.90
N CYS B 133 17.37 -12.14 -4.36
CA CYS B 133 18.49 -12.48 -3.48
C CYS B 133 19.57 -11.42 -3.61
N MET B 134 20.18 -11.07 -2.48
CA MET B 134 20.94 -9.84 -2.34
C MET B 134 22.31 -10.10 -1.71
N GLU B 135 23.05 -9.02 -1.51
CA GLU B 135 24.15 -9.00 -0.56
C GLU B 135 23.58 -8.90 0.84
N HIS B 136 24.08 -9.71 1.76
CA HIS B 136 23.62 -9.63 3.14
C HIS B 136 24.41 -8.58 3.91
N MET B 137 23.77 -8.00 4.93
CA MET B 137 24.32 -6.90 5.72
C MET B 137 24.32 -7.23 7.21
N ASP B 138 25.52 -7.33 7.80
CA ASP B 138 25.66 -7.78 9.18
C ASP B 138 25.02 -6.83 10.18
N GLY B 139 24.91 -5.54 9.84
CA GLY B 139 24.50 -4.53 10.80
C GLY B 139 23.02 -4.21 10.81
N GLY B 140 22.37 -4.37 9.66
CA GLY B 140 20.96 -4.08 9.55
C GLY B 140 20.69 -2.69 9.02
N SER B 141 19.42 -2.33 9.06
CA SER B 141 19.01 -1.00 8.64
C SER B 141 19.42 0.03 9.68
N LEU B 142 19.48 1.29 9.25
CA LEU B 142 19.76 2.35 10.21
C LEU B 142 18.58 2.57 11.17
N ASP B 143 17.38 2.14 10.79
CA ASP B 143 16.31 2.04 11.77
C ASP B 143 16.66 1.03 12.84
N GLN B 144 17.20 -0.13 12.44
CA GLN B 144 17.65 -1.14 13.40
C GLN B 144 18.59 -0.54 14.42
N VAL B 145 19.67 0.10 13.95
CA VAL B 145 20.70 0.60 14.84
C VAL B 145 20.20 1.76 15.69
N LEU B 146 19.25 2.54 15.18
CA LEU B 146 18.73 3.67 15.95
C LEU B 146 17.98 3.21 17.18
N LYS B 147 17.12 2.20 17.05
CA LYS B 147 16.37 1.73 18.21
C LYS B 147 17.27 1.06 19.25
N LYS B 148 18.44 0.56 18.84
CA LYS B 148 19.38 0.01 19.82
C LYS B 148 20.21 1.12 20.45
N ALA B 149 20.79 2.00 19.62
CA ALA B 149 21.39 3.22 20.14
C ALA B 149 20.29 4.12 20.71
N GLY B 150 20.68 5.27 21.24
CA GLY B 150 19.67 6.21 21.69
C GLY B 150 19.39 7.19 20.60
N ARG B 151 20.47 7.80 20.11
CA ARG B 151 20.49 8.66 18.95
C ARG B 151 21.78 8.33 18.21
N ILE B 152 21.93 8.82 17.00
CA ILE B 152 23.13 8.61 16.21
C ILE B 152 23.91 9.92 16.13
N PRO B 153 25.21 9.92 16.37
CA PRO B 153 25.98 11.16 16.41
C PRO B 153 26.11 11.81 15.03
N GLU B 154 26.36 13.13 15.07
CA GLU B 154 26.39 13.93 13.85
C GLU B 154 27.55 13.51 12.93
N GLN B 155 28.69 13.15 13.52
CA GLN B 155 29.87 12.82 12.72
C GLN B 155 29.61 11.57 11.88
N ILE B 156 28.86 10.61 12.42
CA ILE B 156 28.56 9.40 11.67
C ILE B 156 27.54 9.68 10.58
N LEU B 157 26.47 10.39 10.93
CA LEU B 157 25.48 10.76 9.91
C LEU B 157 26.04 11.75 8.92
N GLY B 158 27.19 12.36 9.26
CA GLY B 158 28.00 13.03 8.27
C GLY B 158 28.37 12.06 7.17
N LYS B 159 29.00 10.95 7.55
CA LYS B 159 29.44 9.98 6.55
C LYS B 159 28.26 9.29 5.89
N VAL B 160 27.19 9.06 6.64
CA VAL B 160 25.96 8.50 6.06
C VAL B 160 25.47 9.37 4.91
N SER B 161 25.58 10.68 5.09
CA SER B 161 25.03 11.62 4.10
C SER B 161 25.79 11.52 2.77
N ILE B 162 27.10 11.31 2.81
CA ILE B 162 27.85 11.17 1.56
C ILE B 162 27.47 9.87 0.87
N ALA B 163 27.29 8.80 1.65
CA ALA B 163 26.90 7.52 1.07
C ALA B 163 25.58 7.64 0.30
N VAL B 164 24.62 8.35 0.87
CA VAL B 164 23.32 8.49 0.21
C VAL B 164 23.44 9.38 -1.02
N ILE B 165 24.18 10.47 -0.92
CA ILE B 165 24.20 11.44 -2.01
C ILE B 165 24.99 10.92 -3.21
N LYS B 166 26.04 10.14 -2.94
CA LYS B 166 26.77 9.52 -4.05
C LYS B 166 25.93 8.42 -4.71
N GLY B 167 25.23 7.63 -3.89
CA GLY B 167 24.32 6.61 -4.39
C GLY B 167 23.30 7.19 -5.33
N LEU B 168 22.54 8.19 -4.86
CA LEU B 168 21.51 8.78 -5.71
C LEU B 168 22.12 9.45 -6.93
N THR B 169 23.28 10.09 -6.78
CA THR B 169 23.96 10.67 -7.94
C THR B 169 24.36 9.59 -8.94
N TYR B 170 24.90 8.47 -8.44
CA TYR B 170 25.28 7.37 -9.31
C TYR B 170 24.07 6.87 -10.10
N LEU B 171 22.98 6.56 -9.40
CA LEU B 171 21.83 5.95 -10.05
C LEU B 171 21.20 6.86 -11.09
N ARG B 172 21.20 8.18 -10.84
CA ARG B 172 20.56 9.09 -11.79
C ARG B 172 21.37 9.18 -13.07
N GLU B 173 22.65 9.54 -12.97
CA GLU B 173 23.40 9.83 -14.19
C GLU B 173 24.01 8.58 -14.84
N LYS B 174 24.00 7.43 -14.16
CA LYS B 174 24.46 6.19 -14.76
C LYS B 174 23.33 5.26 -15.20
N HIS B 175 22.10 5.48 -14.72
CA HIS B 175 20.98 4.62 -15.11
C HIS B 175 19.67 5.35 -15.33
N LYS B 176 19.60 6.66 -15.08
CA LYS B 176 18.40 7.46 -15.31
C LYS B 176 17.21 7.00 -14.45
N ILE B 177 17.49 6.52 -13.23
CA ILE B 177 16.45 6.09 -12.31
C ILE B 177 16.57 6.86 -11.00
N MET B 178 15.44 7.17 -10.39
CA MET B 178 15.42 7.71 -9.03
C MET B 178 14.97 6.63 -8.05
N HIS B 179 15.38 6.83 -6.79
CA HIS B 179 15.20 5.79 -5.79
C HIS B 179 13.72 5.53 -5.50
N ARG B 180 12.95 6.59 -5.23
CA ARG B 180 11.51 6.63 -4.97
C ARG B 180 11.14 6.17 -3.56
N ASP B 181 12.06 5.63 -2.77
CA ASP B 181 11.68 5.16 -1.43
C ASP B 181 12.85 5.19 -0.45
N VAL B 182 13.37 6.38 -0.15
CA VAL B 182 14.47 6.52 0.81
C VAL B 182 13.90 6.66 2.21
N LYS B 183 14.39 5.84 3.14
CA LYS B 183 14.00 5.88 4.54
C LYS B 183 15.04 5.14 5.35
N PRO B 184 15.07 5.31 6.68
CA PRO B 184 16.12 4.64 7.48
C PRO B 184 16.14 3.12 7.32
N SER B 185 14.98 2.47 7.19
CA SER B 185 14.95 1.02 7.12
C SER B 185 15.56 0.47 5.83
N ASN B 186 15.79 1.32 4.82
CA ASN B 186 16.37 0.89 3.56
C ASN B 186 17.75 1.49 3.30
N ILE B 187 18.47 1.84 4.37
CA ILE B 187 19.88 2.16 4.33
C ILE B 187 20.57 1.15 5.23
N LEU B 188 21.47 0.35 4.66
CA LEU B 188 22.04 -0.77 5.37
C LEU B 188 23.55 -0.60 5.54
N VAL B 189 24.05 -1.15 6.65
CA VAL B 189 25.43 -0.95 7.10
C VAL B 189 26.01 -2.30 7.50
N ASN B 190 27.35 -2.40 7.50
CA ASN B 190 28.03 -3.65 7.80
C ASN B 190 29.21 -3.43 8.74
N SER B 191 29.66 -4.52 9.37
CA SER B 191 30.80 -4.48 10.27
C SER B 191 32.12 -4.22 9.54
N ARG B 192 32.13 -4.30 8.20
CA ARG B 192 33.31 -3.90 7.44
C ARG B 192 33.41 -2.38 7.29
N GLY B 193 32.28 -1.70 7.17
CA GLY B 193 32.25 -0.24 7.22
C GLY B 193 31.54 0.50 6.08
N GLU B 194 30.88 -0.24 5.19
CA GLU B 194 30.21 0.35 4.03
C GLU B 194 28.75 0.72 4.33
N ILE B 195 28.30 1.81 3.70
CA ILE B 195 26.92 2.28 3.78
C ILE B 195 26.38 2.31 2.34
N LYS B 196 25.26 1.62 2.10
CA LYS B 196 24.68 1.65 0.75
C LYS B 196 23.16 1.49 0.81
N LEU B 197 22.51 2.05 -0.20
CA LEU B 197 21.05 2.08 -0.32
C LEU B 197 20.53 0.83 -1.04
N CYS B 198 19.25 0.56 -0.84
CA CYS B 198 18.60 -0.58 -1.46
C CYS B 198 17.09 -0.31 -1.55
N ASP B 199 16.37 -1.26 -2.14
CA ASP B 199 14.90 -1.22 -2.22
C ASP B 199 14.41 -0.03 -3.03
N PHE B 200 15.05 0.21 -4.17
CA PHE B 200 14.69 1.31 -5.05
C PHE B 200 14.05 0.80 -6.34
N GLY B 201 13.44 1.71 -7.08
CA GLY B 201 12.57 1.35 -8.18
C GLY B 201 13.18 1.05 -9.53
N VAL B 202 13.43 -0.22 -9.81
CA VAL B 202 13.96 -0.63 -11.12
C VAL B 202 12.84 -0.93 -12.11
N SER B 203 11.77 -1.57 -11.64
CA SER B 203 10.76 -2.17 -12.50
C SER B 203 9.45 -1.43 -12.35
N GLY B 204 9.12 -0.60 -13.34
CA GLY B 204 7.88 0.16 -13.35
C GLY B 204 6.65 -0.71 -13.21
N GLN B 205 6.78 -1.99 -13.55
CA GLN B 205 5.62 -2.87 -13.41
C GLN B 205 5.48 -3.35 -11.97
N LEU B 206 6.54 -3.92 -11.37
CA LEU B 206 6.44 -4.40 -9.99
C LEU B 206 5.75 -3.41 -9.06
N ILE B 207 5.96 -2.10 -9.30
CA ILE B 207 5.16 -1.09 -8.60
C ILE B 207 3.67 -1.37 -8.80
N ASP B 208 3.26 -1.63 -10.04
CA ASP B 208 1.84 -1.75 -10.36
C ASP B 208 1.22 -3.06 -9.89
N SER B 209 2.03 -4.10 -9.67
CA SER B 209 1.48 -5.44 -9.48
C SER B 209 1.29 -5.84 -8.02
N MET B 210 2.09 -5.31 -7.09
CA MET B 210 1.88 -5.62 -5.69
C MET B 210 0.53 -5.07 -5.24
N ALA B 211 -0.27 -5.92 -4.60
CA ALA B 211 -1.68 -5.61 -4.41
C ALA B 211 -1.95 -4.64 -3.26
N ASN B 212 -1.15 -4.65 -2.20
CA ASN B 212 -1.48 -3.79 -1.07
C ASN B 212 -0.22 -3.26 -0.41
N SER B 213 -0.27 -1.98 -0.05
CA SER B 213 0.81 -1.27 0.64
C SER B 213 0.48 -1.09 2.12
N PHE B 214 1.51 -0.79 2.90
CA PHE B 214 1.36 -0.64 4.35
C PHE B 214 1.64 0.80 4.74
N VAL B 215 0.67 1.44 5.38
CA VAL B 215 0.73 2.86 5.70
C VAL B 215 0.65 2.98 7.22
N GLY B 216 1.75 3.40 7.84
CA GLY B 216 1.82 3.58 9.28
C GLY B 216 1.79 5.03 9.72
N THR B 217 2.50 5.34 10.80
CA THR B 217 2.52 6.69 11.37
C THR B 217 3.80 7.45 11.04
N ARG B 218 4.77 6.82 10.39
CA ARG B 218 5.99 7.47 9.97
C ARG B 218 6.03 7.50 8.45
N SER B 219 5.82 8.68 7.87
CA SER B 219 5.86 8.86 6.42
C SER B 219 7.11 9.62 6.01
N TYR B 220 7.72 9.20 4.90
CA TYR B 220 8.88 9.88 4.34
C TYR B 220 8.63 10.37 2.92
N MET B 221 7.38 10.46 2.51
CA MET B 221 7.05 10.95 1.18
C MET B 221 7.11 12.48 1.14
N SER B 222 7.71 13.01 0.08
CA SER B 222 7.90 14.43 -0.09
C SER B 222 6.55 15.15 -0.28
N PRO B 223 6.46 16.42 0.09
CA PRO B 223 5.20 17.15 -0.09
C PRO B 223 4.76 17.23 -1.54
N GLU B 224 5.70 17.24 -2.49
CA GLU B 224 5.31 17.28 -3.89
C GLU B 224 4.74 15.92 -4.34
N ARG B 225 5.26 14.82 -3.78
CA ARG B 225 4.74 13.50 -4.14
C ARG B 225 3.35 13.22 -3.57
N LEU B 226 3.06 13.77 -2.39
CA LEU B 226 1.72 13.59 -1.80
C LEU B 226 0.66 14.35 -2.56
N GLN B 227 1.01 15.48 -3.18
CA GLN B 227 0.03 16.27 -3.89
C GLN B 227 -0.16 15.82 -5.33
N GLY B 228 0.57 14.80 -5.79
CA GLY B 228 0.42 14.31 -7.14
C GLY B 228 1.04 15.16 -8.20
N THR B 229 2.04 15.97 -7.86
CA THR B 229 2.78 16.81 -8.79
C THR B 229 3.96 16.05 -9.37
N HIS B 230 4.37 16.42 -10.60
CA HIS B 230 5.59 15.89 -11.18
C HIS B 230 6.76 16.01 -10.20
N TYR B 231 7.61 15.00 -10.16
CA TYR B 231 8.71 14.97 -9.21
C TYR B 231 9.96 14.39 -9.84
N SER B 232 11.09 14.70 -9.23
CA SER B 232 12.40 14.22 -9.68
C SER B 232 13.14 13.66 -8.48
N VAL B 233 14.45 13.45 -8.62
CA VAL B 233 15.26 12.98 -7.50
C VAL B 233 15.24 13.98 -6.34
N GLN B 234 14.73 15.19 -6.57
CA GLN B 234 14.46 16.12 -5.48
C GLN B 234 13.67 15.45 -4.36
N SER B 235 12.69 14.61 -4.71
CA SER B 235 11.92 13.89 -3.70
C SER B 235 12.81 13.02 -2.82
N ASP B 236 13.77 12.33 -3.43
CA ASP B 236 14.67 11.50 -2.65
C ASP B 236 15.52 12.33 -1.70
N ILE B 237 15.81 13.59 -2.06
CA ILE B 237 16.58 14.46 -1.17
C ILE B 237 15.77 14.82 0.06
N TRP B 238 14.49 15.16 -0.12
CA TRP B 238 13.62 15.40 1.04
C TRP B 238 13.55 14.17 1.93
N SER B 239 13.35 12.99 1.34
CA SER B 239 13.30 11.78 2.14
C SER B 239 14.59 11.61 2.94
N MET B 240 15.72 11.97 2.34
CA MET B 240 17.00 11.88 3.06
C MET B 240 17.02 12.86 4.23
N GLY B 241 16.65 14.12 3.96
CA GLY B 241 16.65 15.11 5.02
C GLY B 241 15.82 14.68 6.21
N LEU B 242 14.61 14.18 5.95
CA LEU B 242 13.72 13.77 7.03
C LEU B 242 14.30 12.61 7.83
N SER B 243 14.96 11.67 7.14
CA SER B 243 15.57 10.55 7.86
C SER B 243 16.72 11.02 8.74
N LEU B 244 17.46 12.03 8.29
CA LEU B 244 18.62 12.49 9.05
C LEU B 244 18.18 13.11 10.37
N VAL B 245 17.17 13.98 10.34
CA VAL B 245 16.76 14.62 11.59
C VAL B 245 16.19 13.59 12.55
N GLU B 246 15.51 12.56 12.03
CA GLU B 246 15.00 11.51 12.91
C GLU B 246 16.14 10.79 13.60
N MET B 247 17.16 10.41 12.84
CA MET B 247 18.30 9.70 13.41
C MET B 247 19.07 10.58 14.37
N ALA B 248 19.12 11.89 14.14
CA ALA B 248 19.86 12.78 15.03
C ALA B 248 19.12 13.02 16.35
N VAL B 249 17.81 12.85 16.38
CA VAL B 249 17.02 13.15 17.55
C VAL B 249 16.54 11.90 18.29
N GLY B 250 16.40 10.77 17.60
CA GLY B 250 15.90 9.55 18.21
C GLY B 250 14.40 9.43 18.21
N ARG B 251 13.70 10.19 17.38
CA ARG B 251 12.24 10.24 17.34
C ARG B 251 11.82 10.74 15.97
N TYR B 252 10.74 10.17 15.43
CA TYR B 252 10.15 10.71 14.21
C TYR B 252 9.66 12.12 14.48
N PRO B 253 10.01 13.10 13.64
CA PRO B 253 9.88 14.51 14.04
C PRO B 253 8.59 15.21 13.67
N ILE B 254 7.55 14.49 13.23
CA ILE B 254 6.25 15.07 12.93
C ILE B 254 5.18 14.27 13.66
N PRO B 255 4.38 14.89 14.55
CA PRO B 255 4.50 16.33 14.84
C PRO B 255 5.68 16.62 15.78
N PRO B 256 6.23 17.83 15.70
CA PRO B 256 7.40 18.15 16.51
C PRO B 256 7.08 18.07 17.97
N PRO B 257 8.07 17.82 18.83
CA PRO B 257 7.80 17.64 20.26
C PRO B 257 7.63 18.97 20.98
N ASP B 258 6.90 18.92 22.08
CA ASP B 258 6.75 20.07 22.96
C ASP B 258 7.97 20.23 23.85
N ALA B 259 8.17 21.47 24.35
CA ALA B 259 9.36 21.81 25.13
C ALA B 259 9.68 20.79 26.21
N LYS B 260 8.67 20.06 26.71
CA LYS B 260 8.91 19.09 27.78
C LYS B 260 9.67 17.87 27.26
N GLU B 261 9.34 17.39 26.06
CA GLU B 261 10.02 16.20 25.55
C GLU B 261 11.40 16.51 24.98
N LEU B 262 11.63 17.74 24.52
CA LEU B 262 12.98 18.12 24.11
C LEU B 262 13.93 18.15 25.30
N GLU B 263 13.45 18.65 26.45
CA GLU B 263 14.24 18.63 27.68
C GLU B 263 14.58 17.19 28.08
N LEU B 264 13.59 16.30 28.02
CA LEU B 264 13.81 14.90 28.36
C LEU B 264 14.84 14.25 27.46
N MET B 265 14.70 14.45 26.14
CA MET B 265 15.53 13.75 25.17
C MET B 265 17.02 14.07 25.31
N PHE B 266 17.36 15.17 25.98
CA PHE B 266 18.76 15.57 26.14
C PHE B 266 19.04 15.99 27.58
N PRO B 298 -1.19 9.22 19.19
CA PRO B 298 -2.63 9.23 18.95
C PRO B 298 -3.03 10.16 17.82
N MET B 299 -2.74 9.76 16.57
CA MET B 299 -2.91 10.65 15.42
C MET B 299 -3.31 9.84 14.18
N ALA B 300 -4.28 10.36 13.43
CA ALA B 300 -4.76 9.69 12.23
C ALA B 300 -3.86 9.98 11.04
N ILE B 301 -3.83 9.02 10.12
CA ILE B 301 -2.89 9.07 9.00
C ILE B 301 -3.04 10.37 8.22
N PHE B 302 -4.27 10.81 7.96
CA PHE B 302 -4.46 11.97 7.10
C PHE B 302 -3.81 13.21 7.68
N GLU B 303 -4.04 13.48 8.97
CA GLU B 303 -3.57 14.75 9.52
C GLU B 303 -2.05 14.78 9.69
N LEU B 304 -1.39 13.60 9.73
CA LEU B 304 0.06 13.60 9.63
C LEU B 304 0.51 14.00 8.22
N LEU B 305 -0.11 13.41 7.20
CA LEU B 305 0.22 13.79 5.82
C LEU B 305 -0.09 15.26 5.57
N ASP B 306 -1.21 15.75 6.11
CA ASP B 306 -1.55 17.16 5.95
C ASP B 306 -0.56 18.05 6.68
N TYR B 307 -0.02 17.59 7.81
CA TYR B 307 1.04 18.34 8.48
C TYR B 307 2.25 18.48 7.56
N ILE B 308 2.66 17.37 6.93
CA ILE B 308 3.80 17.40 6.02
C ILE B 308 3.59 18.40 4.89
N VAL B 309 2.34 18.59 4.45
CA VAL B 309 2.10 19.42 3.28
C VAL B 309 1.92 20.89 3.63
N ASN B 310 1.37 21.22 4.79
CA ASN B 310 0.99 22.59 5.09
C ASN B 310 1.77 23.24 6.24
N GLU B 311 2.28 22.47 7.18
CA GLU B 311 3.04 23.11 8.25
C GLU B 311 4.51 23.21 7.87
N PRO B 312 5.27 24.10 8.51
CA PRO B 312 6.68 24.24 8.16
C PRO B 312 7.43 22.96 8.46
N PRO B 313 8.55 22.72 7.78
CA PRO B 313 9.28 21.46 7.92
C PRO B 313 9.94 21.36 9.29
N PRO B 314 10.33 20.16 9.69
CA PRO B 314 11.06 20.02 10.96
C PRO B 314 12.47 20.57 10.84
N LYS B 315 13.03 20.94 11.98
CA LYS B 315 14.39 21.42 12.03
C LYS B 315 15.07 20.83 13.27
N LEU B 316 16.40 20.68 13.18
CA LEU B 316 17.16 20.20 14.31
C LEU B 316 17.16 21.24 15.43
N PRO B 317 17.37 20.82 16.67
CA PRO B 317 17.45 21.81 17.78
C PRO B 317 18.73 22.62 17.67
N SER B 318 18.59 23.93 17.88
CA SER B 318 19.69 24.85 17.62
C SER B 318 20.90 24.60 18.50
N ALA B 319 20.72 23.92 19.64
CA ALA B 319 21.75 23.88 20.67
C ALA B 319 22.85 22.86 20.33
N VAL B 320 22.45 21.62 20.07
CA VAL B 320 23.35 20.48 20.19
C VAL B 320 24.03 20.10 18.87
N PHE B 321 23.68 20.72 17.76
CA PHE B 321 24.24 20.36 16.46
C PHE B 321 24.90 21.56 15.80
N SER B 322 25.88 21.27 14.96
CA SER B 322 26.67 22.33 14.32
C SER B 322 25.85 23.09 13.29
N LEU B 323 26.30 24.31 13.00
CA LEU B 323 25.60 25.12 11.99
C LEU B 323 25.62 24.43 10.63
N GLU B 324 26.76 23.84 10.27
CA GLU B 324 26.86 23.17 8.98
C GLU B 324 25.81 22.07 8.86
N PHE B 325 25.62 21.29 9.92
CA PHE B 325 24.61 20.22 9.88
C PHE B 325 23.21 20.80 9.77
N GLN B 326 22.88 21.77 10.62
CA GLN B 326 21.54 22.38 10.58
C GLN B 326 21.22 22.93 9.19
N ASP B 327 22.15 23.66 8.59
CA ASP B 327 21.88 24.19 7.26
C ASP B 327 21.75 23.08 6.23
N PHE B 328 22.44 21.95 6.44
CA PHE B 328 22.33 20.81 5.54
C PHE B 328 20.90 20.27 5.51
N VAL B 329 20.38 19.89 6.68
CA VAL B 329 19.01 19.37 6.72
C VAL B 329 18.01 20.42 6.26
N ASN B 330 18.25 21.69 6.61
CA ASN B 330 17.29 22.73 6.26
C ASN B 330 17.14 22.85 4.75
N LYS B 331 18.25 22.66 4.00
CA LYS B 331 18.21 22.75 2.54
C LYS B 331 17.56 21.51 1.93
N CYS B 332 17.74 20.35 2.57
CA CYS B 332 17.05 19.14 2.11
C CYS B 332 15.55 19.18 2.38
N LEU B 333 15.09 19.96 3.36
CA LEU B 333 13.69 19.92 3.77
C LEU B 333 12.90 21.13 3.28
N ILE B 334 13.39 21.83 2.25
CA ILE B 334 12.62 22.94 1.70
C ILE B 334 11.43 22.38 0.94
N LYS B 335 10.25 22.96 1.16
CA LYS B 335 9.05 22.41 0.55
C LYS B 335 9.13 22.48 -0.97
N ASN B 336 9.35 23.68 -1.51
CA ASN B 336 9.45 23.89 -2.95
C ASN B 336 10.61 23.09 -3.53
N PRO B 337 10.34 22.04 -4.33
CA PRO B 337 11.45 21.19 -4.80
C PRO B 337 12.42 21.90 -5.74
N ALA B 338 12.05 23.06 -6.26
CA ALA B 338 12.96 23.84 -7.09
C ALA B 338 14.01 24.57 -6.24
N GLU B 339 13.60 25.11 -5.09
CA GLU B 339 14.52 25.75 -4.17
C GLU B 339 15.26 24.74 -3.29
N ARG B 340 14.80 23.50 -3.23
CA ARG B 340 15.52 22.47 -2.50
C ARG B 340 16.87 22.24 -3.17
N ALA B 341 17.89 21.99 -2.37
CA ALA B 341 19.21 21.73 -2.92
C ALA B 341 19.17 20.49 -3.80
N ASP B 342 19.81 20.57 -4.98
CA ASP B 342 19.88 19.39 -5.83
C ASP B 342 21.07 18.53 -5.40
N LEU B 343 21.29 17.45 -6.17
CA LEU B 343 22.18 16.39 -5.71
C LEU B 343 23.58 16.93 -5.40
N LYS B 344 24.19 17.60 -6.36
CA LYS B 344 25.59 17.98 -6.21
C LYS B 344 25.76 19.38 -5.63
N GLN B 345 24.71 20.20 -5.64
CA GLN B 345 24.66 21.32 -4.70
C GLN B 345 25.00 20.86 -3.30
N LEU B 346 24.50 19.67 -2.93
CA LEU B 346 24.71 19.14 -1.59
C LEU B 346 26.15 18.71 -1.37
N MET B 347 26.86 18.34 -2.43
CA MET B 347 28.20 17.78 -2.29
C MET B 347 29.27 18.86 -2.18
N VAL B 348 28.98 20.09 -2.60
CA VAL B 348 29.83 21.23 -2.31
C VAL B 348 29.37 21.97 -1.07
N HIS B 349 28.35 21.47 -0.39
CA HIS B 349 27.90 22.12 0.84
C HIS B 349 28.96 21.99 1.91
N ALA B 350 29.01 23.00 2.78
CA ALA B 350 30.04 23.04 3.82
C ALA B 350 30.03 21.78 4.67
N PHE B 351 28.83 21.24 4.94
CA PHE B 351 28.72 20.20 5.96
C PHE B 351 29.36 18.90 5.51
N ILE B 352 29.31 18.57 4.23
CA ILE B 352 29.79 17.26 3.87
C ILE B 352 31.23 17.36 3.37
N LYS B 353 31.63 18.54 2.87
CA LYS B 353 33.06 18.72 2.56
C LYS B 353 33.87 18.73 3.83
N ARG B 354 33.31 19.30 4.91
CA ARG B 354 33.92 19.14 6.22
C ARG B 354 33.91 17.68 6.64
N SER B 355 32.80 16.97 6.40
CA SER B 355 32.65 15.60 6.90
C SER B 355 33.43 14.60 6.07
N ASP B 356 33.55 14.82 4.76
CA ASP B 356 34.34 13.95 3.90
C ASP B 356 35.74 13.79 4.43
N ALA B 357 36.39 14.89 4.77
CA ALA B 357 37.78 14.87 5.20
C ALA B 357 37.87 14.75 6.73
N GLU B 358 37.26 13.69 7.24
CA GLU B 358 37.39 13.34 8.65
C GLU B 358 37.59 11.84 8.79
N GLU B 359 38.23 11.47 9.88
CA GLU B 359 38.48 10.07 10.19
C GLU B 359 37.53 9.65 11.30
N VAL B 360 36.55 8.83 10.96
CA VAL B 360 35.70 8.15 11.93
C VAL B 360 35.74 6.67 11.60
N ASP B 361 36.02 5.84 12.59
CA ASP B 361 36.00 4.40 12.39
C ASP B 361 34.54 3.97 12.41
N PHE B 362 33.91 3.95 11.22
CA PHE B 362 32.51 3.58 11.19
C PHE B 362 32.31 2.15 11.67
N ALA B 363 33.17 1.23 11.21
CA ALA B 363 33.06 -0.16 11.64
C ALA B 363 33.11 -0.27 13.16
N GLY B 364 33.99 0.51 13.80
CA GLY B 364 34.10 0.45 15.24
C GLY B 364 32.89 1.01 15.95
N TRP B 365 32.36 2.13 15.46
CA TRP B 365 31.14 2.68 16.06
C TRP B 365 30.01 1.68 16.02
N LEU B 366 29.87 0.97 14.89
CA LEU B 366 28.76 0.03 14.72
C LEU B 366 28.89 -1.16 15.67
N CYS B 367 30.03 -1.85 15.63
CA CYS B 367 30.18 -3.09 16.38
C CYS B 367 30.05 -2.86 17.89
N SER B 368 30.41 -1.68 18.37
CA SER B 368 30.31 -1.40 19.80
C SER B 368 28.87 -1.14 20.24
N THR B 369 28.03 -0.65 19.34
CA THR B 369 26.68 -0.23 19.71
C THR B 369 25.66 -1.35 19.59
N ILE B 370 25.72 -2.16 18.53
CA ILE B 370 24.81 -3.30 18.42
C ILE B 370 25.41 -4.58 18.99
N GLY B 371 26.73 -4.67 19.11
CA GLY B 371 27.37 -5.79 19.77
C GLY B 371 27.75 -6.94 18.87
N LEU B 372 28.74 -6.72 18.00
CA LEU B 372 29.18 -7.76 17.06
C LEU B 372 30.56 -7.43 16.47
#